data_7CT1
#
_entry.id   7CT1
#
_cell.length_a   43.194
_cell.length_b   72.941
_cell.length_c   103.999
_cell.angle_alpha   90.000
_cell.angle_beta   90.000
_cell.angle_gamma   90.000
#
_symmetry.space_group_name_H-M   'P 21 21 21'
#
loop_
_entity.id
_entity.type
_entity.pdbx_description
1 polymer 'Fusion protein Sorting nexin-27 and DLF motif'
2 non-polymer GLYCEROL
3 water water
#
_entity_poly.entity_id   1
_entity_poly.type   'polypeptide(L)'
_entity_poly.pdbx_seq_one_letter_code
;SDVELRVALPDGTTVTVRVKKNSTTDQVYQAIAAKVGMDSTTVNYFALFEVISHSFVRKLAPNEFPHKLYIQNYTSAVPG
TCLTIRKWLFTTEEEILLNDNDLAVTYFFHQAVDDVKKGYIKAEEKSYQLQKLYEQRKMVMYLNMLRTCEGYNEIIFPHC
ACDSRRKGHVITAISITHFKLHACTEEGQLENQVIAFEWDEMQRWDTDEEGMAFCFEYARGEKKPRWVKIFTPYFNYMHE
CFERVFCELKWRKEEYGGSGGSPINNGSKENGIHEEQDQEPQDLFA
;
_entity_poly.pdbx_strand_id   A
#
# COMPACT_ATOMS: atom_id res chain seq x y z
N ASP A 2 14.96 17.61 -20.74
CA ASP A 2 13.59 17.31 -20.33
C ASP A 2 13.04 16.09 -21.06
N VAL A 3 12.18 15.32 -20.38
CA VAL A 3 11.62 14.10 -20.96
C VAL A 3 10.15 13.98 -20.56
N GLU A 4 9.39 13.27 -21.38
CA GLU A 4 7.98 13.04 -21.11
C GLU A 4 7.81 11.81 -20.23
N LEU A 5 6.79 11.85 -19.37
CA LEU A 5 6.43 10.74 -18.51
C LEU A 5 4.91 10.66 -18.46
N ARG A 6 4.37 9.44 -18.50
CA ARG A 6 2.92 9.23 -18.39
C ARG A 6 2.61 8.38 -17.18
N VAL A 7 1.56 8.76 -16.44
CA VAL A 7 1.21 8.10 -15.18
C VAL A 7 -0.30 7.88 -15.15
N ALA A 8 -0.71 6.65 -14.88
CA ALA A 8 -2.11 6.30 -14.78
C ALA A 8 -2.68 6.78 -13.44
N LEU A 9 -3.94 7.20 -13.46
CA LEU A 9 -4.64 7.69 -12.28
C LEU A 9 -5.76 6.75 -11.88
N PRO A 10 -6.27 6.84 -10.63
CA PRO A 10 -7.29 5.88 -10.20
C PRO A 10 -8.55 5.88 -11.05
N ASP A 11 -8.89 6.99 -11.68
CA ASP A 11 -10.10 7.04 -12.49
C ASP A 11 -9.90 6.45 -13.88
N GLY A 12 -8.80 5.77 -14.15
CA GLY A 12 -8.57 5.19 -15.46
C GLY A 12 -7.98 6.13 -16.49
N THR A 13 -7.86 7.41 -16.19
CA THR A 13 -7.24 8.37 -17.10
C THR A 13 -5.73 8.37 -16.90
N THR A 14 -5.02 9.02 -17.83
CA THR A 14 -3.57 9.10 -17.78
C THR A 14 -3.16 10.56 -17.79
N VAL A 15 -2.10 10.90 -17.05
CA VAL A 15 -1.59 12.25 -17.02
C VAL A 15 -0.18 12.24 -17.60
N THR A 16 0.11 13.25 -18.40
CA THR A 16 1.43 13.43 -18.98
C THR A 16 2.09 14.62 -18.31
N VAL A 17 3.32 14.44 -17.86
CA VAL A 17 4.11 15.51 -17.28
C VAL A 17 5.49 15.50 -17.94
N ARG A 18 6.11 16.66 -17.99
CA ARG A 18 7.49 16.78 -18.42
C ARG A 18 8.34 16.98 -17.18
N VAL A 19 9.37 16.14 -17.04
CA VAL A 19 10.20 16.13 -15.85
C VAL A 19 11.65 16.09 -16.30
N LYS A 20 12.55 16.43 -15.39
CA LYS A 20 13.95 16.20 -15.67
C LYS A 20 14.21 14.70 -15.64
N LYS A 21 15.11 14.25 -16.51
CA LYS A 21 15.40 12.83 -16.63
C LYS A 21 15.73 12.21 -15.28
N ASN A 22 16.53 12.91 -14.47
CA ASN A 22 16.95 12.39 -13.18
C ASN A 22 16.06 12.86 -12.04
N SER A 23 14.81 13.23 -12.32
CA SER A 23 13.87 13.54 -11.23
C SER A 23 13.65 12.31 -10.36
N THR A 24 13.58 12.51 -9.05
CA THR A 24 13.32 11.38 -8.16
C THR A 24 11.82 11.23 -7.90
N THR A 25 11.47 10.15 -7.21
CA THR A 25 10.07 9.80 -6.98
C THR A 25 9.28 10.98 -6.43
N ASP A 26 9.80 11.63 -5.38
CA ASP A 26 9.02 12.68 -4.72
C ASP A 26 8.86 13.90 -5.62
N GLN A 27 9.88 14.22 -6.43
CA GLN A 27 9.74 15.34 -7.34
C GLN A 27 8.70 15.06 -8.41
N VAL A 28 8.70 13.84 -8.96
CA VAL A 28 7.71 13.49 -9.97
C VAL A 28 6.32 13.41 -9.34
N TYR A 29 6.20 12.77 -8.18
CA TYR A 29 4.88 12.69 -7.55
C TYR A 29 4.30 14.08 -7.30
N GLN A 30 5.13 15.01 -6.84
CA GLN A 30 4.61 16.35 -6.55
C GLN A 30 4.18 17.07 -7.81
N ALA A 31 4.88 16.85 -8.92
CA ALA A 31 4.47 17.44 -10.19
C ALA A 31 3.14 16.90 -10.65
N ILE A 32 2.90 15.59 -10.48
CA ILE A 32 1.61 15.02 -10.84
C ILE A 32 0.51 15.56 -9.92
N ALA A 33 0.80 15.65 -8.63
CA ALA A 33 -0.20 16.13 -7.68
C ALA A 33 -0.66 17.53 -8.04
N ALA A 34 0.27 18.42 -8.35
CA ALA A 34 -0.08 19.77 -8.79
C ALA A 34 -0.95 19.72 -10.05
N LYS A 35 -0.56 18.91 -11.03
CA LYS A 35 -1.28 18.88 -12.30
C LYS A 35 -2.71 18.38 -12.14
N VAL A 36 -2.95 17.43 -11.23
CA VAL A 36 -4.29 16.87 -11.12
C VAL A 36 -5.14 17.63 -10.11
N GLY A 37 -4.57 18.61 -9.41
CA GLY A 37 -5.35 19.44 -8.52
C GLY A 37 -5.42 18.99 -7.08
N MET A 38 -4.51 18.16 -6.62
CA MET A 38 -4.43 17.88 -5.20
C MET A 38 -3.97 19.13 -4.45
N ASP A 39 -4.36 19.22 -3.17
CA ASP A 39 -3.78 20.26 -2.33
C ASP A 39 -3.22 19.66 -1.06
N SER A 40 -2.88 20.52 -0.10
CA SER A 40 -2.28 20.05 1.13
C SER A 40 -3.16 19.07 1.86
N THR A 41 -4.48 19.08 1.60
CA THR A 41 -5.38 18.17 2.30
C THR A 41 -5.41 16.77 1.68
N THR A 42 -4.97 16.60 0.43
CA THR A 42 -5.02 15.31 -0.23
C THR A 42 -3.66 14.78 -0.66
N VAL A 43 -2.67 15.64 -0.87
CA VAL A 43 -1.41 15.20 -1.47
C VAL A 43 -0.75 14.11 -0.66
N ASN A 44 -0.98 14.09 0.66
CA ASN A 44 -0.28 13.12 1.50
C ASN A 44 -1.00 11.78 1.59
N TYR A 45 -2.09 11.57 0.84
CA TYR A 45 -2.77 10.29 0.88
C TYR A 45 -2.55 9.43 -0.36
N PHE A 46 -1.66 9.83 -1.27
CA PHE A 46 -1.43 9.09 -2.51
C PHE A 46 0.06 9.00 -2.74
N ALA A 47 0.46 8.15 -3.70
CA ALA A 47 1.88 7.98 -3.99
C ALA A 47 2.02 7.35 -5.37
N LEU A 48 3.25 7.35 -5.85
CA LEU A 48 3.62 6.70 -7.11
C LEU A 48 3.90 5.22 -6.91
N PHE A 49 3.35 4.37 -7.79
CA PHE A 49 3.58 2.93 -7.79
C PHE A 49 3.98 2.48 -9.20
N GLU A 50 4.61 1.31 -9.27
CA GLU A 50 4.96 0.66 -10.52
C GLU A 50 4.11 -0.60 -10.65
N VAL A 51 3.41 -0.73 -11.78
CA VAL A 51 2.63 -1.93 -12.04
C VAL A 51 3.58 -3.08 -12.32
N ILE A 52 3.57 -4.09 -11.45
CA ILE A 52 4.43 -5.27 -11.65
C ILE A 52 3.72 -6.33 -12.45
N SER A 53 2.47 -6.60 -12.09
CA SER A 53 1.65 -7.61 -12.74
C SER A 53 0.22 -7.11 -12.71
N HIS A 54 -0.69 -7.90 -13.27
CA HIS A 54 -2.09 -7.52 -13.14
C HIS A 54 -2.60 -7.66 -11.73
N SER A 55 -1.84 -8.28 -10.82
CA SER A 55 -2.28 -8.44 -9.44
C SER A 55 -1.32 -7.79 -8.44
N PHE A 56 -0.34 -7.00 -8.86
CA PHE A 56 0.54 -6.39 -7.87
C PHE A 56 1.15 -5.11 -8.42
N VAL A 57 1.06 -4.06 -7.60
CA VAL A 57 1.80 -2.83 -7.85
C VAL A 57 2.74 -2.61 -6.69
N ARG A 58 3.87 -2.00 -6.99
CA ARG A 58 4.97 -1.82 -6.04
C ARG A 58 5.22 -0.32 -5.86
N LYS A 59 5.28 0.13 -4.62
CA LYS A 59 5.51 1.55 -4.35
C LYS A 59 6.95 1.91 -4.67
N LEU A 60 7.14 3.01 -5.39
CA LEU A 60 8.49 3.50 -5.65
C LEU A 60 9.14 4.05 -4.38
N ALA A 61 10.37 3.61 -4.11
CA ALA A 61 11.13 4.14 -3.00
C ALA A 61 11.60 5.56 -3.33
N PRO A 62 11.94 6.36 -2.31
CA PRO A 62 12.28 7.77 -2.59
C PRO A 62 13.49 7.97 -3.50
N ASN A 63 14.45 7.03 -3.53
CA ASN A 63 15.65 7.23 -4.33
C ASN A 63 15.50 6.72 -5.77
N GLU A 64 14.29 6.30 -6.16
CA GLU A 64 14.14 5.81 -7.51
C GLU A 64 13.92 6.97 -8.49
N PHE A 65 14.11 6.66 -9.77
CA PHE A 65 13.93 7.62 -10.87
C PHE A 65 12.77 7.19 -11.74
N PRO A 66 11.58 7.80 -11.60
CA PRO A 66 10.41 7.29 -12.33
C PRO A 66 10.62 7.22 -13.82
N HIS A 67 11.38 8.13 -14.41
CA HIS A 67 11.61 8.02 -15.85
C HIS A 67 12.41 6.78 -16.22
N LYS A 68 13.37 6.39 -15.39
CA LYS A 68 14.16 5.16 -15.70
C LYS A 68 13.21 3.98 -15.78
N LEU A 69 12.27 3.89 -14.84
CA LEU A 69 11.31 2.78 -14.86
C LEU A 69 10.30 2.91 -16.00
N TYR A 70 9.83 4.13 -16.26
CA TYR A 70 8.87 4.34 -17.35
C TYR A 70 9.43 3.89 -18.68
N ILE A 71 10.68 4.25 -18.96
CA ILE A 71 11.23 3.93 -20.26
C ILE A 71 11.68 2.47 -20.32
N GLN A 72 12.08 1.90 -19.19
CA GLN A 72 12.51 0.48 -19.17
C GLN A 72 11.32 -0.42 -19.54
N ASN A 73 10.14 -0.11 -19.04
CA ASN A 73 8.96 -0.92 -19.29
C ASN A 73 8.09 -0.35 -20.40
N TYR A 74 8.55 0.71 -21.08
CA TYR A 74 7.71 1.40 -22.04
C TYR A 74 7.14 0.45 -23.09
N THR A 75 8.03 -0.30 -23.75
CA THR A 75 7.57 -1.22 -24.83
C THR A 75 6.61 -2.28 -24.27
N SER A 76 6.93 -2.82 -23.08
CA SER A 76 6.06 -3.83 -22.42
C SER A 76 4.71 -3.20 -22.03
N ALA A 77 4.76 -1.93 -21.60
CA ALA A 77 3.59 -1.14 -21.16
C ALA A 77 2.63 -0.89 -22.33
N VAL A 78 3.16 -0.80 -23.56
CA VAL A 78 2.37 -0.60 -24.81
C VAL A 78 1.59 0.72 -24.72
N PRO A 79 0.25 0.74 -24.97
CA PRO A 79 -0.55 1.97 -24.93
C PRO A 79 -0.56 2.58 -23.52
N GLY A 80 -0.61 1.70 -22.50
CA GLY A 80 -0.60 2.10 -21.08
C GLY A 80 0.80 2.36 -20.55
N THR A 81 0.91 2.80 -19.30
CA THR A 81 2.23 3.06 -18.68
C THR A 81 2.40 2.14 -17.45
N CYS A 82 3.63 1.90 -17.02
CA CYS A 82 3.86 1.10 -15.83
C CYS A 82 3.80 1.94 -14.55
N LEU A 83 3.58 3.24 -14.65
CA LEU A 83 3.51 4.11 -13.48
C LEU A 83 2.07 4.43 -13.17
N THR A 84 1.72 4.47 -11.89
CA THR A 84 0.34 4.68 -11.52
C THR A 84 0.27 5.34 -10.14
N ILE A 85 -0.74 6.19 -9.96
CA ILE A 85 -1.00 6.86 -8.68
C ILE A 85 -2.03 6.03 -7.93
N ARG A 86 -1.72 5.63 -6.70
CA ARG A 86 -2.71 4.93 -5.89
C ARG A 86 -2.72 5.52 -4.49
N LYS A 87 -3.77 5.20 -3.76
CA LYS A 87 -3.88 5.62 -2.37
C LYS A 87 -2.74 5.01 -1.55
N TRP A 88 -2.25 5.77 -0.57
CA TRP A 88 -1.21 5.32 0.35
C TRP A 88 -1.72 5.66 1.74
N LEU A 89 -2.47 4.73 2.32
CA LEU A 89 -3.17 4.99 3.59
C LEU A 89 -3.66 3.68 4.16
N PHE A 90 -3.25 3.34 5.37
CA PHE A 90 -3.70 2.11 5.99
C PHE A 90 -4.86 2.34 6.95
N THR A 91 -4.97 3.53 7.52
CA THR A 91 -5.95 3.81 8.57
C THR A 91 -7.26 4.24 7.92
N THR A 92 -8.21 3.30 7.83
CA THR A 92 -9.47 3.58 7.16
C THR A 92 -10.22 4.73 7.81
N GLU A 93 -10.09 4.85 9.13
CA GLU A 93 -10.79 5.91 9.90
C GLU A 93 -10.39 7.29 9.36
N GLU A 94 -9.12 7.49 9.01
CA GLU A 94 -8.67 8.77 8.45
C GLU A 94 -9.22 8.98 7.04
N GLU A 95 -9.46 7.89 6.32
CA GLU A 95 -10.06 7.99 5.01
C GLU A 95 -11.47 8.56 5.09
N ILE A 96 -12.23 8.15 6.11
CA ILE A 96 -13.62 8.59 6.23
C ILE A 96 -13.68 10.10 6.43
N LEU A 97 -12.70 10.66 7.13
CA LEU A 97 -12.70 12.10 7.39
C LEU A 97 -12.55 12.92 6.12
N LEU A 98 -12.15 12.30 5.00
CA LEU A 98 -12.07 12.97 3.72
C LEU A 98 -13.34 12.82 2.88
N ASN A 99 -14.44 12.33 3.47
CA ASN A 99 -15.66 12.10 2.69
C ASN A 99 -16.25 13.37 2.12
N ASP A 100 -15.81 14.55 2.57
CA ASP A 100 -16.27 15.81 2.02
C ASP A 100 -15.29 16.39 1.00
N ASN A 101 -14.29 15.63 0.60
CA ASN A 101 -13.28 16.11 -0.33
C ASN A 101 -13.51 15.43 -1.67
N ASP A 102 -13.94 16.21 -2.67
CA ASP A 102 -14.39 15.62 -3.92
C ASP A 102 -13.28 14.84 -4.60
N LEU A 103 -12.08 15.41 -4.69
CA LEU A 103 -10.97 14.71 -5.34
C LEU A 103 -10.64 13.42 -4.60
N ALA A 104 -10.52 13.48 -3.28
CA ALA A 104 -10.20 12.28 -2.52
C ALA A 104 -11.24 11.19 -2.73
N VAL A 105 -12.53 11.54 -2.58
CA VAL A 105 -13.60 10.56 -2.74
C VAL A 105 -13.55 9.93 -4.13
N THR A 106 -13.41 10.76 -5.16
CA THR A 106 -13.40 10.24 -6.53
C THR A 106 -12.26 9.25 -6.74
N TYR A 107 -11.06 9.60 -6.27
CA TYR A 107 -9.93 8.68 -6.44
C TYR A 107 -10.13 7.42 -5.62
N PHE A 108 -10.55 7.59 -4.34
CA PHE A 108 -10.75 6.41 -3.50
C PHE A 108 -11.80 5.49 -4.12
N PHE A 109 -12.87 6.10 -4.65
CA PHE A 109 -13.97 5.35 -5.23
C PHE A 109 -13.49 4.51 -6.42
N HIS A 110 -12.86 5.15 -7.40
CA HIS A 110 -12.48 4.40 -8.60
C HIS A 110 -11.45 3.33 -8.28
N GLN A 111 -10.52 3.61 -7.35
CA GLN A 111 -9.57 2.57 -6.97
C GLN A 111 -10.29 1.41 -6.29
N ALA A 112 -11.22 1.72 -5.39
CA ALA A 112 -11.98 0.68 -4.70
C ALA A 112 -12.70 -0.22 -5.69
N VAL A 113 -13.42 0.37 -6.65
CA VAL A 113 -14.14 -0.41 -7.67
C VAL A 113 -13.17 -1.35 -8.36
N ASP A 114 -11.98 -0.85 -8.70
CA ASP A 114 -11.00 -1.71 -9.36
C ASP A 114 -10.47 -2.77 -8.42
N ASP A 115 -10.27 -2.42 -7.14
CA ASP A 115 -9.73 -3.39 -6.19
C ASP A 115 -10.73 -4.51 -5.91
N VAL A 116 -12.02 -4.23 -5.95
CA VAL A 116 -13.01 -5.30 -5.83
C VAL A 116 -12.91 -6.24 -7.03
N LYS A 117 -12.85 -5.68 -8.24
CA LYS A 117 -12.76 -6.49 -9.45
C LYS A 117 -11.53 -7.38 -9.46
N LYS A 118 -10.43 -6.94 -8.87
CA LYS A 118 -9.22 -7.76 -8.82
C LYS A 118 -9.23 -8.74 -7.66
N GLY A 119 -10.31 -8.80 -6.89
CA GLY A 119 -10.42 -9.71 -5.77
C GLY A 119 -9.69 -9.29 -4.50
N TYR A 120 -9.08 -8.10 -4.48
CA TYR A 120 -8.41 -7.64 -3.26
C TYR A 120 -9.39 -7.45 -2.11
N ILE A 121 -10.57 -6.93 -2.40
CA ILE A 121 -11.59 -6.64 -1.39
C ILE A 121 -12.75 -7.59 -1.63
N LYS A 122 -13.12 -8.35 -0.60
CA LYS A 122 -14.14 -9.37 -0.72
C LYS A 122 -15.47 -8.78 -0.29
N ALA A 123 -16.32 -8.49 -1.28
CA ALA A 123 -17.58 -7.79 -1.05
C ALA A 123 -18.79 -8.65 -1.33
N GLU A 124 -18.64 -9.98 -1.31
CA GLU A 124 -19.72 -10.86 -1.77
C GLU A 124 -20.97 -10.68 -0.92
N GLU A 125 -20.82 -10.63 0.41
CA GLU A 125 -21.97 -10.51 1.29
C GLU A 125 -22.79 -9.24 0.99
N LYS A 126 -22.12 -8.13 0.71
CA LYS A 126 -22.77 -6.84 0.47
C LYS A 126 -22.87 -6.51 -1.01
N SER A 127 -22.67 -7.49 -1.87
CA SER A 127 -22.57 -7.22 -3.31
C SER A 127 -23.81 -6.51 -3.84
N TYR A 128 -25.00 -6.88 -3.36
CA TYR A 128 -26.24 -6.31 -3.91
C TYR A 128 -26.31 -4.82 -3.65
N GLN A 129 -26.09 -4.39 -2.40
CA GLN A 129 -26.17 -2.97 -2.09
C GLN A 129 -25.02 -2.19 -2.72
N LEU A 130 -23.82 -2.78 -2.78
CA LEU A 130 -22.69 -2.10 -3.41
C LEU A 130 -22.94 -1.87 -4.90
N GLN A 131 -23.55 -2.85 -5.57
CA GLN A 131 -23.87 -2.66 -6.98
C GLN A 131 -24.87 -1.52 -7.15
N LYS A 132 -25.88 -1.44 -6.28
CA LYS A 132 -26.85 -0.35 -6.38
C LYS A 132 -26.20 1.00 -6.12
N LEU A 133 -25.35 1.09 -5.09
CA LEU A 133 -24.64 2.33 -4.84
C LEU A 133 -23.69 2.67 -5.99
N TYR A 134 -23.03 1.66 -6.56
CA TYR A 134 -22.11 1.91 -7.66
C TYR A 134 -22.85 2.50 -8.86
N GLU A 135 -23.96 1.87 -9.25
CA GLU A 135 -24.66 2.33 -10.45
C GLU A 135 -25.26 3.72 -10.24
N GLN A 136 -25.60 4.09 -9.00
CA GLN A 136 -26.08 5.45 -8.76
C GLN A 136 -24.94 6.44 -8.55
N ARG A 137 -23.69 6.00 -8.64
CA ARG A 137 -22.53 6.85 -8.35
C ARG A 137 -22.69 7.56 -7.00
N LYS A 138 -23.26 6.84 -6.02
CA LYS A 138 -23.26 7.32 -4.64
C LYS A 138 -21.93 6.92 -4.04
N MET A 139 -20.90 7.72 -4.33
CA MET A 139 -19.52 7.32 -4.05
C MET A 139 -19.25 7.21 -2.55
N VAL A 140 -19.60 8.23 -1.79
CA VAL A 140 -19.39 8.17 -0.34
C VAL A 140 -20.08 6.94 0.26
N MET A 141 -21.36 6.74 -0.06
CA MET A 141 -22.08 5.60 0.53
C MET A 141 -21.47 4.28 0.08
N TYR A 142 -21.07 4.20 -1.20
CA TYR A 142 -20.38 3.01 -1.68
C TYR A 142 -19.12 2.74 -0.88
N LEU A 143 -18.28 3.77 -0.67
CA LEU A 143 -17.03 3.59 0.06
C LEU A 143 -17.28 3.23 1.52
N ASN A 144 -18.25 3.90 2.16
CA ASN A 144 -18.54 3.59 3.57
C ASN A 144 -18.92 2.13 3.75
N MET A 145 -19.67 1.57 2.79
CA MET A 145 -20.04 0.15 2.88
C MET A 145 -18.85 -0.75 2.57
N LEU A 146 -18.12 -0.46 1.49
CA LEU A 146 -16.97 -1.29 1.16
C LEU A 146 -15.94 -1.27 2.28
N ARG A 147 -15.83 -0.16 3.03
CA ARG A 147 -14.86 -0.06 4.10
C ARG A 147 -15.10 -1.09 5.21
N THR A 148 -16.26 -1.72 5.25
CA THR A 148 -16.55 -2.78 6.21
C THR A 148 -16.13 -4.16 5.72
N CYS A 149 -15.65 -4.27 4.49
CA CYS A 149 -15.39 -5.56 3.87
C CYS A 149 -13.96 -6.00 4.11
N GLU A 150 -13.76 -7.32 4.21
CA GLU A 150 -12.43 -7.85 4.44
C GLU A 150 -11.52 -7.51 3.27
N GLY A 151 -10.28 -7.14 3.59
CA GLY A 151 -9.31 -6.78 2.58
C GLY A 151 -9.23 -5.30 2.28
N TYR A 152 -10.17 -4.49 2.74
CA TYR A 152 -10.07 -3.06 2.52
C TYR A 152 -8.80 -2.54 3.19
N ASN A 153 -7.99 -1.79 2.42
CA ASN A 153 -6.75 -1.18 2.90
C ASN A 153 -5.77 -2.22 3.43
N GLU A 154 -5.66 -3.32 2.70
CA GLU A 154 -4.71 -4.37 3.01
C GLU A 154 -3.84 -4.59 1.78
N ILE A 155 -2.52 -4.55 1.97
CA ILE A 155 -1.56 -4.79 0.88
C ILE A 155 -1.18 -6.26 0.88
N ILE A 156 -1.36 -6.93 -0.26
CA ILE A 156 -0.98 -8.33 -0.45
C ILE A 156 0.25 -8.40 -1.34
N PHE A 157 1.30 -9.15 -0.86
CA PHE A 157 2.49 -9.32 -1.70
C PHE A 157 2.47 -10.67 -2.41
N PRO A 158 3.17 -10.80 -3.55
CA PRO A 158 3.28 -12.11 -4.19
C PRO A 158 4.00 -13.12 -3.28
N HIS A 159 3.70 -14.40 -3.49
CA HIS A 159 4.26 -15.44 -2.63
C HIS A 159 5.76 -15.51 -2.79
N CYS A 160 6.46 -15.87 -1.71
CA CYS A 160 7.91 -15.95 -1.78
C CYS A 160 8.44 -16.80 -0.62
N ALA A 161 9.71 -17.17 -0.73
CA ALA A 161 10.35 -17.98 0.30
C ALA A 161 10.50 -17.20 1.60
N CYS A 162 10.71 -17.95 2.67
CA CYS A 162 10.79 -17.40 4.03
C CYS A 162 11.74 -18.27 4.83
N ASP A 163 12.70 -17.66 5.53
CA ASP A 163 13.67 -18.45 6.29
C ASP A 163 13.05 -19.14 7.49
N SER A 164 11.80 -18.84 7.82
CA SER A 164 11.11 -19.44 8.95
C SER A 164 10.01 -20.40 8.49
N ARG A 165 10.19 -20.98 7.30
CA ARG A 165 9.38 -22.13 6.88
C ARG A 165 10.26 -23.03 6.03
N ARG A 166 10.38 -24.30 6.43
CA ARG A 166 11.30 -25.22 5.78
C ARG A 166 10.87 -25.52 4.35
N LYS A 167 9.59 -25.81 4.15
CA LYS A 167 9.07 -26.14 2.82
C LYS A 167 7.81 -25.34 2.59
N GLY A 168 7.80 -24.55 1.53
CA GLY A 168 6.66 -23.71 1.19
C GLY A 168 6.98 -22.23 1.30
N HIS A 169 6.07 -21.44 0.74
CA HIS A 169 6.19 -19.99 0.62
C HIS A 169 5.20 -19.32 1.57
N VAL A 170 5.28 -17.98 1.63
CA VAL A 170 4.31 -17.19 2.38
C VAL A 170 3.78 -16.08 1.49
N ILE A 171 2.52 -15.72 1.72
CA ILE A 171 1.92 -14.54 1.13
C ILE A 171 1.73 -13.50 2.23
N THR A 172 2.39 -12.36 2.08
CA THR A 172 2.36 -11.33 3.12
C THR A 172 1.17 -10.41 2.93
N ALA A 173 0.43 -10.16 4.01
CA ALA A 173 -0.74 -9.29 4.00
C ALA A 173 -0.58 -8.23 5.10
N ILE A 174 -0.55 -6.96 4.72
CA ILE A 174 -0.26 -5.86 5.64
C ILE A 174 -1.46 -4.93 5.74
N SER A 175 -1.94 -4.73 6.96
CA SER A 175 -3.02 -3.79 7.22
C SER A 175 -2.72 -3.05 8.52
N ILE A 176 -3.51 -2.02 8.79
CA ILE A 176 -3.33 -1.30 10.05
C ILE A 176 -3.61 -2.18 11.26
N THR A 177 -4.41 -3.24 11.09
CA THR A 177 -4.79 -4.04 12.27
C THR A 177 -3.75 -5.10 12.58
N HIS A 178 -3.17 -5.76 11.58
CA HIS A 178 -2.12 -6.75 11.81
C HIS A 178 -1.20 -6.88 10.61
N PHE A 179 -0.12 -7.60 10.85
CA PHE A 179 0.79 -8.10 9.82
C PHE A 179 0.56 -9.60 9.76
N LYS A 180 0.15 -10.11 8.59
CA LYS A 180 -0.23 -11.52 8.46
C LYS A 180 0.62 -12.25 7.43
N LEU A 181 0.92 -13.51 7.71
CA LEU A 181 1.61 -14.38 6.77
C LEU A 181 0.71 -15.56 6.47
N HIS A 182 0.39 -15.74 5.18
CA HIS A 182 -0.45 -16.83 4.71
C HIS A 182 0.43 -17.92 4.11
N ALA A 183 0.30 -19.14 4.62
CA ALA A 183 1.06 -20.26 4.09
C ALA A 183 0.57 -20.62 2.68
N CYS A 184 1.52 -20.92 1.79
CA CYS A 184 1.17 -21.40 0.47
C CYS A 184 2.31 -22.26 -0.05
N THR A 185 2.03 -22.97 -1.14
CA THR A 185 3.04 -23.83 -1.73
C THR A 185 4.09 -22.98 -2.46
N GLU A 186 5.16 -23.65 -2.88
CA GLU A 186 6.18 -22.98 -3.66
C GLU A 186 5.66 -22.44 -4.99
N GLU A 187 4.48 -22.86 -5.43
CA GLU A 187 3.88 -22.33 -6.65
C GLU A 187 2.70 -21.41 -6.37
N GLY A 188 2.56 -20.92 -5.15
CA GLY A 188 1.55 -19.92 -4.82
C GLY A 188 0.21 -20.46 -4.37
N GLN A 189 0.07 -21.77 -4.25
CA GLN A 189 -1.20 -22.40 -3.90
C GLN A 189 -1.44 -22.30 -2.40
N LEU A 190 -2.55 -21.67 -2.01
CA LEU A 190 -2.82 -21.45 -0.60
C LEU A 190 -2.99 -22.77 0.14
N GLU A 191 -2.57 -22.78 1.42
CA GLU A 191 -2.61 -24.00 2.23
C GLU A 191 -3.50 -23.86 3.46
N ASN A 192 -4.39 -22.86 3.46
CA ASN A 192 -5.39 -22.67 4.54
C ASN A 192 -4.77 -22.56 5.95
N GLN A 193 -3.70 -21.79 6.08
CA GLN A 193 -3.06 -21.53 7.37
C GLN A 193 -2.56 -20.09 7.37
N VAL A 194 -2.84 -19.36 8.45
CA VAL A 194 -2.46 -17.95 8.56
C VAL A 194 -1.91 -17.68 9.95
N ILE A 195 -0.82 -16.91 10.00
CA ILE A 195 -0.22 -16.42 11.24
C ILE A 195 -0.41 -14.91 11.27
N ALA A 196 -0.84 -14.39 12.40
CA ALA A 196 -1.06 -12.96 12.54
C ALA A 196 -0.10 -12.41 13.59
N PHE A 197 0.55 -11.29 13.27
CA PHE A 197 1.44 -10.60 14.19
C PHE A 197 0.82 -9.25 14.51
N GLU A 198 0.74 -8.93 15.80
CA GLU A 198 0.31 -7.63 16.24
C GLU A 198 1.43 -6.62 16.06
N TRP A 199 1.07 -5.40 15.70
CA TRP A 199 2.09 -4.39 15.47
C TRP A 199 2.86 -4.07 16.72
N ASP A 200 2.23 -4.14 17.90
CA ASP A 200 2.97 -3.88 19.13
C ASP A 200 3.87 -5.05 19.52
N GLU A 201 3.83 -6.17 18.79
CA GLU A 201 4.81 -7.23 18.97
C GLU A 201 6.08 -6.99 18.17
N MET A 202 6.08 -6.03 17.25
CA MET A 202 7.25 -5.76 16.43
C MET A 202 8.29 -4.99 17.23
N GLN A 203 9.51 -5.52 17.26
CA GLN A 203 10.62 -4.88 17.96
C GLN A 203 11.52 -4.10 17.00
N ARG A 204 11.95 -4.74 15.91
CA ARG A 204 12.86 -4.14 14.96
C ARG A 204 12.51 -4.66 13.57
N TRP A 205 12.95 -3.93 12.55
CA TRP A 205 12.82 -4.39 11.17
C TRP A 205 13.90 -3.71 10.35
N ASP A 206 14.18 -4.33 9.19
CA ASP A 206 15.37 -4.00 8.41
C ASP A 206 15.27 -4.71 7.07
N THR A 207 16.08 -4.26 6.11
CA THR A 207 16.23 -4.97 4.85
C THR A 207 17.62 -5.57 4.77
N ASP A 208 17.74 -6.60 3.93
CA ASP A 208 19.00 -7.27 3.61
C ASP A 208 19.10 -7.23 2.09
N GLU A 209 19.71 -6.18 1.55
CA GLU A 209 19.78 -6.02 0.10
C GLU A 209 20.52 -7.20 -0.54
N GLU A 210 21.69 -7.54 -0.01
CA GLU A 210 22.47 -8.64 -0.57
C GLU A 210 21.65 -9.93 -0.58
N GLY A 211 20.98 -10.25 0.53
CA GLY A 211 20.17 -11.45 0.61
C GLY A 211 18.78 -11.36 0.04
N MET A 212 18.39 -10.20 -0.50
CA MET A 212 17.05 -9.99 -1.06
C MET A 212 15.97 -10.39 -0.05
N ALA A 213 15.98 -9.71 1.10
CA ALA A 213 15.07 -10.08 2.17
C ALA A 213 14.59 -8.85 2.92
N PHE A 214 13.35 -8.93 3.40
CA PHE A 214 12.82 -8.04 4.42
C PHE A 214 12.83 -8.81 5.72
N CYS A 215 13.30 -8.17 6.79
CA CYS A 215 13.51 -8.83 8.07
C CYS A 215 12.76 -8.08 9.16
N PHE A 216 12.07 -8.82 10.02
CA PHE A 216 11.44 -8.21 11.17
C PHE A 216 11.68 -9.09 12.39
N GLU A 217 11.77 -8.43 13.54
CA GLU A 217 11.96 -9.10 14.81
C GLU A 217 10.72 -8.87 15.66
N TYR A 218 10.12 -9.96 16.14
CA TYR A 218 8.90 -9.86 16.93
C TYR A 218 9.10 -10.57 18.27
N ALA A 219 8.23 -10.25 19.22
CA ALA A 219 8.25 -10.88 20.54
C ALA A 219 6.82 -10.96 21.04
N ARG A 220 6.31 -12.18 21.21
CA ARG A 220 4.93 -12.39 21.72
C ARG A 220 4.99 -12.60 23.23
N GLY A 221 4.21 -11.85 24.00
CA GLY A 221 4.19 -12.02 25.46
C GLY A 221 5.57 -11.80 26.07
N GLU A 222 6.03 -12.77 26.86
CA GLU A 222 7.32 -12.72 27.60
C GLU A 222 8.41 -13.53 26.90
N LYS A 223 8.15 -14.04 25.70
CA LYS A 223 9.15 -14.89 24.97
C LYS A 223 10.27 -14.04 24.38
N LYS A 224 11.39 -14.68 24.01
CA LYS A 224 12.52 -13.95 23.46
C LYS A 224 12.22 -13.51 22.03
N PRO A 225 12.68 -12.32 21.62
CA PRO A 225 12.47 -11.89 20.23
C PRO A 225 13.06 -12.87 19.22
N ARG A 226 12.40 -12.96 18.06
CA ARG A 226 12.83 -13.79 16.95
C ARG A 226 12.84 -12.96 15.66
N TRP A 227 13.89 -13.14 14.86
CA TRP A 227 13.96 -12.56 13.53
C TRP A 227 13.35 -13.51 12.50
N VAL A 228 12.63 -12.94 11.54
CA VAL A 228 12.05 -13.65 10.41
C VAL A 228 12.54 -12.97 9.13
N LYS A 229 12.98 -13.76 8.15
CA LYS A 229 13.41 -13.22 6.88
C LYS A 229 12.40 -13.60 5.81
N ILE A 230 11.87 -12.62 5.11
CA ILE A 230 10.95 -12.84 4.00
C ILE A 230 11.69 -12.49 2.72
N PHE A 231 11.91 -13.50 1.88
CA PHE A 231 12.75 -13.33 0.70
C PHE A 231 11.90 -12.79 -0.45
N THR A 232 11.44 -11.56 -0.26
CA THR A 232 10.67 -10.96 -1.33
C THR A 232 11.54 -10.01 -2.14
N PRO A 233 11.39 -10.01 -3.48
CA PRO A 233 12.04 -8.95 -4.27
C PRO A 233 11.63 -7.55 -3.85
N TYR A 234 10.48 -7.41 -3.19
CA TYR A 234 9.96 -6.09 -2.84
C TYR A 234 10.26 -5.74 -1.40
N PHE A 235 11.48 -6.06 -0.93
CA PHE A 235 11.81 -5.85 0.48
C PHE A 235 11.77 -4.39 0.85
N ASN A 236 12.17 -3.49 -0.07
CA ASN A 236 12.10 -2.06 0.23
C ASN A 236 10.66 -1.58 0.39
N TYR A 237 9.76 -2.07 -0.46
CA TYR A 237 8.35 -1.73 -0.33
C TYR A 237 7.79 -2.24 1.00
N MET A 238 8.07 -3.50 1.34
CA MET A 238 7.60 -4.04 2.60
C MET A 238 8.13 -3.23 3.78
N HIS A 239 9.40 -2.85 3.74
CA HIS A 239 9.96 -1.98 4.77
C HIS A 239 9.17 -0.68 4.86
N GLU A 240 8.86 -0.07 3.72
CA GLU A 240 8.12 1.20 3.74
C GLU A 240 6.70 1.01 4.27
N CYS A 241 6.11 -0.16 4.07
CA CYS A 241 4.82 -0.46 4.70
C CYS A 241 4.92 -0.45 6.22
N PHE A 242 5.98 -1.07 6.78
CA PHE A 242 6.16 -1.01 8.23
C PHE A 242 6.30 0.43 8.71
N GLU A 243 7.17 1.20 8.06
CA GLU A 243 7.38 2.59 8.45
C GLU A 243 6.05 3.36 8.39
N ARG A 244 5.28 3.17 7.32
CA ARG A 244 4.02 3.90 7.17
C ARG A 244 3.02 3.52 8.26
N VAL A 245 2.86 2.21 8.53
CA VAL A 245 1.93 1.75 9.56
C VAL A 245 2.28 2.37 10.91
N PHE A 246 3.56 2.32 11.31
CA PHE A 246 3.92 2.87 12.61
C PHE A 246 3.79 4.39 12.63
N CYS A 247 4.09 5.04 11.50
CA CYS A 247 3.82 6.46 11.35
C CYS A 247 2.34 6.78 11.59
N GLU A 248 1.45 5.99 10.97
CA GLU A 248 0.02 6.27 11.08
C GLU A 248 -0.50 5.96 12.49
N LEU A 249 0.02 4.89 13.12
CA LEU A 249 -0.38 4.61 14.49
C LEU A 249 0.01 5.75 15.43
N LYS A 250 1.22 6.29 15.27
CA LYS A 250 1.66 7.36 16.16
C LYS A 250 0.93 8.66 15.87
N TRP A 251 0.67 8.95 14.61
CA TRP A 251 -0.15 10.11 14.26
C TRP A 251 -1.52 10.04 14.93
N ARG A 252 -2.11 8.84 14.96
CA ARG A 252 -3.44 8.66 15.59
C ARG A 252 -3.33 9.03 17.07
N LYS A 253 -2.36 8.47 17.79
CA LYS A 253 -2.17 8.80 19.19
C LYS A 253 -2.00 10.30 19.39
N GLU A 254 -1.20 10.94 18.54
CA GLU A 254 -0.97 12.37 18.67
C GLU A 254 -2.27 13.16 18.53
N GLU A 255 -3.10 12.77 17.57
CA GLU A 255 -4.37 13.50 17.28
C GLU A 255 -5.30 13.49 18.49
N TYR A 256 -5.20 12.49 19.36
CA TYR A 256 -6.13 12.42 20.53
C TYR A 256 -5.36 12.65 21.84
N GLN A 279 3.14 18.88 39.88
CA GLN A 279 4.44 18.83 39.21
C GLN A 279 4.33 18.16 37.84
N GLU A 280 4.99 18.75 36.84
CA GLU A 280 4.90 18.23 35.49
C GLU A 280 5.59 16.87 35.40
N PRO A 281 5.18 16.04 34.43
CA PRO A 281 5.90 14.77 34.20
C PRO A 281 7.33 14.97 33.74
N GLN A 282 7.65 16.13 33.15
CA GLN A 282 8.96 16.37 32.57
C GLN A 282 10.01 16.77 33.59
N ASP A 283 9.63 17.03 34.84
CA ASP A 283 10.59 17.31 35.91
C ASP A 283 10.01 16.74 37.21
N LEU A 284 10.61 15.67 37.71
CA LEU A 284 10.10 15.06 38.94
C LEU A 284 10.46 15.86 40.18
N PHE A 285 11.52 16.66 40.08
CA PHE A 285 12.02 17.43 41.25
C PHE A 285 11.61 18.90 41.17
N ALA A 286 11.08 19.44 42.27
CA ALA A 286 10.69 20.85 42.34
C ALA A 286 11.84 21.65 42.95
#